data_8IYT
#
_entry.id   8IYT
#
_cell.length_a   61.843
_cell.length_b   61.843
_cell.length_c   208.344
_cell.angle_alpha   90.000
_cell.angle_beta   90.000
_cell.angle_gamma   90.000
#
_symmetry.space_group_name_H-M   'P 41 21 2'
#
loop_
_entity.id
_entity.type
_entity.pdbx_description
1 polymer 'Serine palmitoyltransferase'
2 non-polymer '(2~{R})-2-methyl-2-[[2-methyl-3-oxidanyl-5-(phosphonooxymethyl)pyridin-4-yl]methylamino]-3-oxidanyl-propanoic acid'
3 non-polymer 1,2-ETHANEDIOL
4 water water
#
_entity_poly.entity_id   1
_entity_poly.type   'polypeptide(L)'
_entity_poly.pdbx_seq_one_letter_code
;MSKGKLGEKISQFKIVEELKAKGLYAYFRPIQSKQDTEVKIDGRRVLMFGSNSYLGLTTDTRIIKAAQDALEKYGTGCAG
SRFLNGTLDIHVELEEKLSAYVGKEAAILFSTGFQSNLGPLSCLMGRNDYILLDERDHASIIDGSRLSFSKVIKYGHNNM
EDLRAKLSRLPEDSAKLICTDGIFSMEGDIVNLPELTSIANEFDAAVMVDDAHSLGVIGHKGAGTASHFGLNDDVDLIMG
TFSKSLASLGGFVAGDADVIDFLKHNARSVMFSASMTPASVASTLKALEIIQNEPEHIEKLWKNTDYAKAQLLDHGFDLG
ATESPILPIFIRSNEKTFWVTKMLQDDGVFVNPVVSPAVPAEESLIRFSLMATHTYDQIDEAIEKMVKVFKQAEVETLI
;
_entity_poly.pdbx_strand_id   A
#
# COMPACT_ATOMS: atom_id res chain seq x y z
N SER A 2 31.87 14.82 10.86
CA SER A 2 31.92 16.34 10.92
C SER A 2 30.65 16.94 10.33
N LYS A 3 30.18 18.09 10.85
CA LYS A 3 28.78 18.54 10.62
C LYS A 3 28.63 19.85 9.83
N GLY A 4 29.70 20.57 9.46
CA GLY A 4 29.54 21.87 8.78
C GLY A 4 28.55 21.80 7.61
N LYS A 5 28.92 21.13 6.54
CA LYS A 5 28.14 21.01 5.28
C LYS A 5 26.83 20.28 5.56
N LEU A 6 26.86 19.30 6.48
CA LEU A 6 25.64 18.52 6.82
C LEU A 6 24.61 19.50 7.40
N GLY A 7 25.00 20.29 8.42
CA GLY A 7 24.20 21.38 8.99
C GLY A 7 23.59 22.26 7.90
N GLU A 8 24.37 22.60 6.87
CA GLU A 8 23.89 23.41 5.71
C GLU A 8 22.79 22.65 4.92
N LYS A 9 23.01 21.38 4.61
CA LYS A 9 22.09 20.57 3.76
C LYS A 9 20.65 20.58 4.33
N ILE A 10 20.49 20.64 5.67
CA ILE A 10 19.20 20.48 6.41
C ILE A 10 18.69 21.83 6.97
N SER A 11 19.42 22.93 6.75
CA SER A 11 19.15 24.28 7.35
C SER A 11 17.87 24.89 6.78
N GLN A 12 17.54 24.57 5.53
CA GLN A 12 16.38 25.10 4.78
C GLN A 12 15.07 24.37 5.11
N PHE A 13 15.11 23.25 5.83
CA PHE A 13 13.90 22.43 6.12
C PHE A 13 13.28 22.96 7.41
N LYS A 14 12.31 23.85 7.24
CA LYS A 14 11.69 24.62 8.36
C LYS A 14 10.21 24.26 8.55
N ILE A 15 9.59 23.52 7.64
CA ILE A 15 8.13 23.27 7.73
C ILE A 15 7.77 22.57 9.04
N VAL A 16 8.58 21.64 9.58
CA VAL A 16 8.19 20.94 10.85
C VAL A 16 8.29 21.94 12.00
N GLU A 17 9.36 22.73 12.04
CA GLU A 17 9.58 23.72 13.11
C GLU A 17 8.38 24.70 13.13
N GLU A 18 7.97 25.11 11.96
CA GLU A 18 6.82 26.07 11.79
C GLU A 18 5.49 25.41 12.17
N LEU A 19 5.20 24.19 11.72
CA LEU A 19 3.97 23.47 12.16
C LEU A 19 3.96 23.33 13.69
N LYS A 20 5.07 22.98 14.32
CA LYS A 20 5.10 22.73 15.79
C LYS A 20 4.86 24.06 16.50
N ALA A 21 5.52 25.13 16.07
CA ALA A 21 5.40 26.44 16.74
C ALA A 21 3.96 26.96 16.65
N LYS A 22 3.25 26.68 15.55
CA LYS A 22 1.85 27.17 15.31
C LYS A 22 0.85 26.25 16.01
N GLY A 23 1.31 25.11 16.55
CA GLY A 23 0.45 24.14 17.24
C GLY A 23 -0.35 23.34 16.24
N LEU A 24 0.17 23.12 15.04
CA LEU A 24 -0.56 22.43 13.96
C LEU A 24 0.02 21.03 13.70
N TYR A 25 1.15 20.69 14.30
CA TYR A 25 1.89 19.45 13.92
C TYR A 25 1.04 18.23 14.30
N ALA A 26 0.86 17.31 13.37
CA ALA A 26 0.04 16.08 13.61
C ALA A 26 0.70 14.90 12.88
N TYR A 27 2.03 14.85 12.85
CA TYR A 27 2.75 13.67 12.31
C TYR A 27 3.28 12.88 13.52
N PHE A 28 3.50 11.56 13.31
CA PHE A 28 4.09 10.67 14.34
C PHE A 28 3.26 10.70 15.62
N ARG A 29 1.92 10.84 15.49
CA ARG A 29 1.04 10.89 16.66
C ARG A 29 1.18 9.60 17.46
N PRO A 30 1.58 9.67 18.73
CA PRO A 30 1.85 8.48 19.54
C PRO A 30 0.63 7.75 20.12
N ILE A 31 0.24 6.68 19.46
CA ILE A 31 -0.91 5.83 19.85
C ILE A 31 -0.51 4.93 21.01
N GLN A 32 -1.42 4.76 21.98
CA GLN A 32 -1.14 4.07 23.26
C GLN A 32 -1.87 2.75 23.36
N SER A 33 -2.54 2.33 22.31
CA SER A 33 -3.45 1.18 22.29
C SER A 33 -3.32 0.45 20.97
N LYS A 34 -3.98 -0.68 20.86
CA LYS A 34 -4.04 -1.42 19.58
C LYS A 34 -4.62 -0.55 18.46
N GLN A 35 -4.15 -0.76 17.23
CA GLN A 35 -4.75 -0.18 16.02
C GLN A 35 -6.18 -0.70 15.92
N ASP A 36 -7.17 0.20 15.94
CA ASP A 36 -8.59 -0.22 16.05
C ASP A 36 -9.44 0.96 15.58
N THR A 37 -10.75 0.81 15.54
CA THR A 37 -11.64 1.90 15.07
C THR A 37 -11.55 3.12 15.99
N GLU A 38 -11.21 2.91 17.26
N GLU A 38 -11.20 2.89 17.26
CA GLU A 38 -10.91 3.95 18.29
CA GLU A 38 -10.88 3.94 18.27
C GLU A 38 -9.50 3.65 18.84
C GLU A 38 -9.48 3.64 18.80
N VAL A 39 -8.64 4.66 18.89
CA VAL A 39 -7.28 4.53 19.49
C VAL A 39 -7.17 5.50 20.65
N LYS A 40 -6.21 5.25 21.54
CA LYS A 40 -5.89 6.16 22.66
C LYS A 40 -4.68 6.99 22.28
N ILE A 41 -4.81 8.30 22.35
CA ILE A 41 -3.70 9.26 22.15
C ILE A 41 -3.80 10.24 23.33
N ASP A 42 -2.76 10.34 24.16
CA ASP A 42 -2.74 11.24 25.36
C ASP A 42 -3.86 10.90 26.35
N GLY A 43 -4.20 9.62 26.46
CA GLY A 43 -5.21 9.08 27.38
C GLY A 43 -6.64 9.32 26.90
N ARG A 44 -6.80 9.98 25.73
CA ARG A 44 -8.10 10.40 25.11
C ARG A 44 -8.47 9.38 24.03
N ARG A 45 -9.77 9.15 23.78
N ARG A 45 -9.77 9.11 23.84
CA ARG A 45 -10.23 8.21 22.73
CA ARG A 45 -10.25 8.26 22.73
C ARG A 45 -10.45 9.02 21.42
C ARG A 45 -10.26 9.10 21.44
N VAL A 46 -9.99 8.48 20.29
CA VAL A 46 -9.89 9.18 18.98
C VAL A 46 -10.37 8.18 17.94
N LEU A 47 -11.28 8.59 17.07
CA LEU A 47 -11.79 7.71 15.98
C LEU A 47 -10.73 7.63 14.90
N MET A 48 -10.39 6.40 14.48
CA MET A 48 -9.32 6.12 13.50
C MET A 48 -9.93 6.00 12.10
N PHE A 49 -9.78 7.04 11.27
CA PHE A 49 -10.16 6.99 9.83
C PHE A 49 -8.93 7.28 8.99
N GLY A 50 -7.75 6.91 9.53
CA GLY A 50 -6.47 7.07 8.83
C GLY A 50 -5.67 5.78 8.75
N SER A 51 -6.31 4.61 8.81
CA SER A 51 -5.59 3.31 8.89
C SER A 51 -5.51 2.65 7.52
N ASN A 52 -4.66 1.63 7.40
CA ASN A 52 -4.71 0.71 6.23
C ASN A 52 -5.17 -0.69 6.64
N SER A 53 -5.56 -0.89 7.90
CA SER A 53 -6.09 -2.20 8.36
C SER A 53 -7.54 -2.36 7.86
N TYR A 54 -7.72 -2.62 6.57
CA TYR A 54 -9.04 -2.50 5.89
C TYR A 54 -10.06 -3.48 6.48
N LEU A 55 -9.62 -4.63 6.96
CA LEU A 55 -10.58 -5.64 7.49
C LEU A 55 -10.55 -5.66 9.03
N GLY A 56 -9.80 -4.74 9.67
CA GLY A 56 -9.74 -4.59 11.12
C GLY A 56 -9.13 -5.74 11.89
N LEU A 57 -8.25 -6.53 11.25
CA LEU A 57 -7.82 -7.86 11.76
C LEU A 57 -6.65 -7.77 12.73
N THR A 58 -6.01 -6.61 12.96
CA THR A 58 -4.88 -6.54 13.92
C THR A 58 -5.35 -6.80 15.35
N THR A 59 -6.66 -6.80 15.61
CA THR A 59 -7.20 -7.03 16.98
C THR A 59 -7.86 -8.41 17.10
N ASP A 60 -7.95 -9.16 16.02
CA ASP A 60 -8.56 -10.51 16.01
C ASP A 60 -7.77 -11.41 16.98
N THR A 61 -8.42 -11.87 18.05
CA THR A 61 -7.82 -12.74 19.10
C THR A 61 -7.16 -13.99 18.50
N ARG A 62 -7.71 -14.55 17.43
CA ARG A 62 -7.18 -15.77 16.77
C ARG A 62 -5.83 -15.45 16.13
N ILE A 63 -5.73 -14.25 15.55
CA ILE A 63 -4.46 -13.85 14.84
C ILE A 63 -3.39 -13.55 15.88
N ILE A 64 -3.74 -12.84 16.94
CA ILE A 64 -2.88 -12.55 18.12
C ILE A 64 -2.37 -13.89 18.71
N LYS A 65 -3.28 -14.85 18.83
CA LYS A 65 -2.94 -16.17 19.43
C LYS A 65 -1.97 -16.90 18.49
N ALA A 66 -2.25 -16.95 17.18
CA ALA A 66 -1.32 -17.58 16.21
C ALA A 66 0.08 -16.97 16.39
N ALA A 67 0.19 -15.64 16.44
CA ALA A 67 1.48 -14.92 16.59
C ALA A 67 2.16 -15.32 17.92
N GLN A 68 1.40 -15.37 19.04
CA GLN A 68 1.95 -15.69 20.37
C GLN A 68 2.47 -17.14 20.37
N ASP A 69 1.73 -18.05 19.74
CA ASP A 69 2.12 -19.49 19.62
C ASP A 69 3.40 -19.62 18.79
N ALA A 70 3.56 -18.83 17.72
CA ALA A 70 4.80 -18.87 16.90
C ALA A 70 6.00 -18.35 17.70
N LEU A 71 5.86 -17.29 18.49
CA LEU A 71 6.93 -16.87 19.44
C LEU A 71 7.32 -18.02 20.38
N GLU A 72 6.35 -18.75 20.90
CA GLU A 72 6.61 -19.83 21.87
C GLU A 72 7.43 -20.92 21.17
N LYS A 73 7.08 -21.26 19.93
CA LYS A 73 7.73 -22.40 19.21
C LYS A 73 9.07 -21.94 18.60
N TYR A 74 9.11 -20.75 17.99
CA TYR A 74 10.19 -20.31 17.08
C TYR A 74 11.04 -19.17 17.62
N GLY A 75 10.64 -18.52 18.71
CA GLY A 75 11.40 -17.40 19.27
C GLY A 75 11.09 -16.08 18.56
N THR A 76 11.94 -15.10 18.79
CA THR A 76 11.64 -13.68 18.48
C THR A 76 12.15 -13.26 17.10
N GLY A 77 12.92 -14.12 16.43
N GLY A 77 12.92 -14.12 16.43
CA GLY A 77 13.61 -13.72 15.19
CA GLY A 77 13.56 -13.74 15.17
C GLY A 77 14.49 -14.83 14.64
C GLY A 77 14.21 -14.95 14.57
N CYS A 78 14.66 -14.82 13.32
CA CYS A 78 15.40 -15.86 12.55
C CYS A 78 16.89 -15.50 12.43
N ALA A 79 17.30 -14.24 12.69
CA ALA A 79 18.69 -13.79 12.81
C ALA A 79 19.52 -14.01 11.53
N GLY A 80 18.90 -13.90 10.36
CA GLY A 80 19.63 -13.94 9.09
C GLY A 80 18.69 -13.95 7.90
N SER A 81 19.28 -13.76 6.73
CA SER A 81 18.53 -13.77 5.45
C SER A 81 17.89 -15.15 5.23
N ARG A 82 16.75 -15.16 4.56
CA ARG A 82 16.15 -16.41 4.03
C ARG A 82 17.19 -17.24 3.27
N PHE A 83 18.05 -16.59 2.50
CA PHE A 83 19.11 -17.19 1.65
C PHE A 83 19.98 -18.14 2.49
N LEU A 84 20.35 -17.70 3.68
CA LEU A 84 21.26 -18.51 4.57
C LEU A 84 20.48 -19.21 5.69
N ASN A 85 20.47 -18.65 6.92
CA ASN A 85 20.01 -19.34 8.15
C ASN A 85 18.62 -18.86 8.61
N GLY A 86 17.95 -18.04 7.79
CA GLY A 86 16.69 -17.38 8.16
C GLY A 86 15.42 -17.98 7.59
N THR A 87 15.47 -19.16 6.92
CA THR A 87 14.22 -19.77 6.38
C THR A 87 13.63 -20.74 7.40
N LEU A 88 12.34 -20.64 7.66
CA LEU A 88 11.55 -21.56 8.53
C LEU A 88 10.58 -22.30 7.62
N ASP A 89 10.19 -23.49 8.04
CA ASP A 89 9.11 -24.28 7.41
C ASP A 89 7.89 -23.37 7.24
N ILE A 90 7.60 -22.49 8.20
CA ILE A 90 6.39 -21.61 8.10
C ILE A 90 6.58 -20.50 7.04
N HIS A 91 7.80 -20.02 6.75
CA HIS A 91 7.98 -19.14 5.57
C HIS A 91 7.51 -19.85 4.32
N VAL A 92 7.94 -21.12 4.14
CA VAL A 92 7.66 -21.84 2.87
C VAL A 92 6.14 -22.11 2.80
N GLU A 93 5.51 -22.45 3.92
CA GLU A 93 4.05 -22.68 4.01
C GLU A 93 3.32 -21.41 3.55
N LEU A 94 3.76 -20.26 4.05
CA LEU A 94 3.10 -19.00 3.65
C LEU A 94 3.27 -18.73 2.16
N GLU A 95 4.44 -18.95 1.59
CA GLU A 95 4.67 -18.80 0.14
C GLU A 95 3.70 -19.67 -0.67
N GLU A 96 3.53 -20.93 -0.26
CA GLU A 96 2.62 -21.87 -0.98
C GLU A 96 1.19 -21.36 -0.89
N LYS A 97 0.78 -20.91 0.31
CA LYS A 97 -0.59 -20.41 0.60
C LYS A 97 -0.85 -19.16 -0.25
N LEU A 98 0.11 -18.24 -0.34
CA LEU A 98 -0.06 -17.00 -1.13
C LEU A 98 -0.11 -17.30 -2.62
N SER A 99 0.73 -18.23 -3.09
CA SER A 99 0.79 -18.65 -4.52
C SER A 99 -0.61 -19.15 -4.91
N ALA A 100 -1.19 -19.99 -4.07
CA ALA A 100 -2.53 -20.57 -4.31
C ALA A 100 -3.56 -19.44 -4.36
N TYR A 101 -3.47 -18.50 -3.43
CA TYR A 101 -4.44 -17.39 -3.30
C TYR A 101 -4.51 -16.53 -4.55
N VAL A 102 -3.36 -16.10 -5.09
CA VAL A 102 -3.29 -15.20 -6.27
C VAL A 102 -3.17 -15.99 -7.57
N GLY A 103 -3.14 -17.32 -7.52
CA GLY A 103 -3.19 -18.19 -8.72
C GLY A 103 -1.88 -18.16 -9.49
N LYS A 104 -0.76 -18.27 -8.78
CA LYS A 104 0.58 -18.27 -9.41
C LYS A 104 1.35 -19.50 -8.94
N GLU A 105 2.42 -19.81 -9.64
CA GLU A 105 3.22 -21.05 -9.40
C GLU A 105 3.97 -20.99 -8.06
N ALA A 106 4.43 -19.80 -7.67
CA ALA A 106 5.48 -19.67 -6.66
C ALA A 106 5.47 -18.25 -6.11
N ALA A 107 6.04 -18.10 -4.93
CA ALA A 107 6.14 -16.77 -4.28
C ALA A 107 7.44 -16.73 -3.47
N ILE A 108 7.97 -15.53 -3.28
CA ILE A 108 9.09 -15.29 -2.34
C ILE A 108 8.63 -14.16 -1.43
N LEU A 109 8.77 -14.37 -0.14
CA LEU A 109 8.51 -13.34 0.88
C LEU A 109 9.67 -12.34 0.97
N PHE A 110 9.33 -11.13 1.41
CA PHE A 110 10.28 -10.09 1.87
C PHE A 110 9.87 -9.61 3.26
N SER A 111 10.80 -9.00 3.99
CA SER A 111 10.54 -8.62 5.41
CA SER A 111 10.56 -8.60 5.40
C SER A 111 9.68 -7.36 5.49
N THR A 112 9.56 -6.63 4.39
CA THR A 112 8.61 -5.48 4.25
C THR A 112 7.97 -5.47 2.89
N GLY A 113 6.82 -4.82 2.78
CA GLY A 113 6.26 -4.49 1.45
C GLY A 113 7.23 -3.66 0.63
N PHE A 114 7.85 -2.66 1.25
CA PHE A 114 8.75 -1.73 0.57
C PHE A 114 9.83 -2.56 -0.15
N GLN A 115 10.41 -3.51 0.58
CA GLN A 115 11.51 -4.40 0.08
C GLN A 115 10.98 -5.35 -1.02
N SER A 116 9.68 -5.68 -1.02
CA SER A 116 9.04 -6.57 -2.02
C SER A 116 9.02 -5.87 -3.38
N ASN A 117 8.90 -4.56 -3.45
CA ASN A 117 9.06 -3.83 -4.73
C ASN A 117 10.52 -3.69 -5.09
N LEU A 118 11.41 -3.45 -4.11
CA LEU A 118 12.83 -3.23 -4.47
C LEU A 118 13.39 -4.48 -5.16
N GLY A 119 12.93 -5.67 -4.77
CA GLY A 119 13.56 -6.92 -5.27
C GLY A 119 13.44 -7.04 -6.78
N PRO A 120 12.21 -7.28 -7.30
CA PRO A 120 12.07 -7.49 -8.74
C PRO A 120 12.47 -6.31 -9.62
N LEU A 121 12.14 -5.09 -9.18
CA LEU A 121 12.45 -3.89 -9.99
C LEU A 121 13.96 -3.68 -10.09
N SER A 122 14.72 -4.04 -9.06
CA SER A 122 16.18 -3.86 -9.05
C SER A 122 16.88 -4.88 -9.98
N CYS A 123 16.37 -6.11 -10.17
CA CYS A 123 17.23 -7.18 -10.70
C CYS A 123 16.73 -7.87 -11.99
N LEU A 124 15.59 -7.49 -12.54
CA LEU A 124 15.07 -8.23 -13.72
C LEU A 124 15.49 -7.52 -15.00
N MET A 125 15.27 -6.20 -15.08
CA MET A 125 15.70 -5.34 -16.21
C MET A 125 17.09 -4.76 -15.92
N GLY A 126 17.95 -4.84 -16.91
CA GLY A 126 19.35 -4.42 -16.81
C GLY A 126 19.72 -3.36 -17.83
N ARG A 127 21.01 -3.23 -18.11
CA ARG A 127 21.58 -2.30 -19.10
C ARG A 127 20.77 -2.44 -20.40
N ASN A 128 20.42 -1.33 -21.04
CA ASN A 128 19.76 -1.43 -22.38
C ASN A 128 18.34 -1.97 -22.29
N ASP A 129 17.80 -2.23 -21.08
CA ASP A 129 16.38 -2.59 -20.90
C ASP A 129 15.65 -1.34 -20.37
N TYR A 130 14.34 -1.47 -20.18
CA TYR A 130 13.40 -0.35 -19.85
C TYR A 130 12.37 -0.79 -18.82
N ILE A 131 12.13 0.10 -17.87
CA ILE A 131 11.02 -0.03 -16.91
C ILE A 131 10.06 1.14 -17.13
N LEU A 132 8.80 0.81 -17.34
CA LEU A 132 7.72 1.81 -17.51
C LEU A 132 6.85 1.85 -16.26
N LEU A 133 6.74 3.05 -15.66
CA LEU A 133 6.10 3.32 -14.38
C LEU A 133 4.94 4.31 -14.60
N ASP A 134 3.78 3.99 -14.09
CA ASP A 134 2.72 5.02 -13.90
C ASP A 134 3.31 6.16 -13.05
N GLU A 135 3.10 7.42 -13.44
CA GLU A 135 3.70 8.57 -12.71
C GLU A 135 3.23 8.62 -11.25
N ARG A 136 2.08 8.05 -10.89
CA ARG A 136 1.56 8.02 -9.49
C ARG A 136 1.96 6.76 -8.74
N ASP A 137 2.87 5.95 -9.28
CA ASP A 137 3.36 4.73 -8.59
C ASP A 137 3.94 5.03 -7.21
N HIS A 138 3.74 4.09 -6.30
CA HIS A 138 4.25 4.19 -4.92
C HIS A 138 5.77 4.48 -4.93
N ALA A 139 6.20 5.19 -3.89
CA ALA A 139 7.63 5.56 -3.73
C ALA A 139 8.52 4.32 -3.78
N SER A 140 8.07 3.20 -3.25
CA SER A 140 8.90 1.94 -3.25
C SER A 140 9.17 1.46 -4.68
N ILE A 141 8.22 1.66 -5.59
CA ILE A 141 8.36 1.30 -7.01
C ILE A 141 9.33 2.24 -7.68
N ILE A 142 9.23 3.55 -7.44
CA ILE A 142 10.20 4.54 -7.99
C ILE A 142 11.61 4.11 -7.54
N ASP A 143 11.74 3.84 -6.26
CA ASP A 143 13.07 3.56 -5.65
C ASP A 143 13.56 2.22 -6.22
N GLY A 144 12.75 1.15 -6.25
CA GLY A 144 13.18 -0.13 -6.85
C GLY A 144 13.75 0.05 -8.27
N SER A 145 13.05 0.84 -9.08
CA SER A 145 13.40 1.07 -10.49
C SER A 145 14.73 1.83 -10.56
N ARG A 146 14.92 2.78 -9.65
N ARG A 146 14.98 2.76 -9.64
CA ARG A 146 16.20 3.53 -9.53
CA ARG A 146 16.26 3.52 -9.63
C ARG A 146 17.34 2.54 -9.30
C ARG A 146 17.41 2.64 -9.15
N LEU A 147 17.11 1.50 -8.50
CA LEU A 147 18.16 0.48 -8.12
C LEU A 147 18.47 -0.43 -9.29
N SER A 148 17.60 -0.53 -10.28
CA SER A 148 17.95 -1.26 -11.52
C SER A 148 19.01 -0.51 -12.33
N PHE A 149 19.62 -1.21 -13.29
CA PHE A 149 20.61 -0.61 -14.22
C PHE A 149 19.91 -0.29 -15.54
N SER A 150 18.57 -0.25 -15.53
CA SER A 150 17.76 0.00 -16.76
C SER A 150 17.42 1.48 -16.87
N LYS A 151 16.80 1.85 -17.99
CA LYS A 151 16.26 3.20 -18.28
C LYS A 151 14.80 3.22 -17.82
N VAL A 152 14.50 4.06 -16.82
CA VAL A 152 13.15 4.22 -16.21
C VAL A 152 12.43 5.38 -16.90
N ILE A 153 11.25 5.06 -17.39
CA ILE A 153 10.37 6.02 -18.11
C ILE A 153 9.06 6.09 -17.37
N LYS A 154 8.59 7.29 -17.02
CA LYS A 154 7.23 7.46 -16.45
C LYS A 154 6.25 7.86 -17.54
N TYR A 155 5.06 7.33 -17.44
CA TYR A 155 3.91 7.66 -18.34
C TYR A 155 2.81 8.28 -17.49
N GLY A 156 1.95 9.05 -18.15
CA GLY A 156 0.90 9.81 -17.47
C GLY A 156 -0.01 8.87 -16.72
N HIS A 157 -0.55 9.33 -15.59
CA HIS A 157 -1.35 8.48 -14.70
C HIS A 157 -2.54 7.88 -15.44
N ASN A 158 -2.61 6.55 -15.42
CA ASN A 158 -3.61 5.72 -16.16
C ASN A 158 -3.76 6.18 -17.61
N ASN A 159 -2.75 6.78 -18.21
CA ASN A 159 -2.77 7.29 -19.60
C ASN A 159 -2.20 6.20 -20.52
N MET A 160 -3.09 5.41 -21.11
CA MET A 160 -2.77 4.28 -22.03
C MET A 160 -2.24 4.77 -23.38
N GLU A 161 -2.63 5.96 -23.87
CA GLU A 161 -2.04 6.51 -25.11
C GLU A 161 -0.57 6.86 -24.86
N ASP A 162 -0.29 7.40 -23.68
CA ASP A 162 1.08 7.86 -23.34
C ASP A 162 1.94 6.60 -23.18
N LEU A 163 1.39 5.58 -22.53
CA LEU A 163 2.15 4.31 -22.31
C LEU A 163 2.50 3.66 -23.67
N ARG A 164 1.49 3.54 -24.54
N ARG A 164 1.52 3.55 -24.58
CA ARG A 164 1.61 3.00 -25.93
CA ARG A 164 1.71 2.93 -25.92
C ARG A 164 2.70 3.75 -26.70
C ARG A 164 2.73 3.75 -26.73
N ALA A 165 2.67 5.08 -26.67
CA ALA A 165 3.59 5.96 -27.43
C ALA A 165 5.02 5.74 -26.92
N LYS A 166 5.19 5.75 -25.60
CA LYS A 166 6.53 5.67 -24.97
C LYS A 166 7.17 4.32 -25.30
N LEU A 167 6.39 3.24 -25.29
CA LEU A 167 6.82 1.85 -25.62
C LEU A 167 7.16 1.70 -27.10
N SER A 168 6.35 2.35 -27.96
N SER A 168 6.34 2.33 -27.97
CA SER A 168 6.51 2.40 -29.44
CA SER A 168 6.54 2.37 -29.44
C SER A 168 7.89 2.97 -29.80
C SER A 168 7.92 2.94 -29.79
N ARG A 169 8.43 3.89 -28.99
CA ARG A 169 9.72 4.58 -29.28
C ARG A 169 10.93 3.67 -28.97
N LEU A 170 10.75 2.54 -28.28
CA LEU A 170 11.88 1.74 -27.70
C LEU A 170 12.38 0.68 -28.69
N PRO A 171 13.70 0.36 -28.70
CA PRO A 171 14.22 -0.71 -29.56
C PRO A 171 13.48 -2.04 -29.36
N GLU A 172 13.12 -2.76 -30.44
CA GLU A 172 12.52 -4.12 -30.42
C GLU A 172 13.37 -5.07 -29.56
N ASP A 173 14.69 -4.85 -29.58
CA ASP A 173 15.73 -5.78 -29.10
C ASP A 173 16.11 -5.36 -27.68
N SER A 174 15.10 -5.18 -26.84
CA SER A 174 15.26 -4.82 -25.41
C SER A 174 14.11 -5.43 -24.62
N ALA A 175 14.34 -5.70 -23.34
CA ALA A 175 13.30 -6.19 -22.40
C ALA A 175 12.63 -4.94 -21.82
N LYS A 176 11.32 -5.02 -21.66
CA LYS A 176 10.48 -3.99 -21.02
C LYS A 176 9.71 -4.62 -19.86
N LEU A 177 9.57 -3.84 -18.79
CA LEU A 177 8.70 -4.21 -17.65
C LEU A 177 7.84 -2.98 -17.29
N ILE A 178 6.52 -3.15 -17.34
CA ILE A 178 5.53 -2.15 -16.84
C ILE A 178 5.21 -2.49 -15.40
N CYS A 179 5.34 -1.54 -14.49
CA CYS A 179 4.98 -1.72 -13.07
C CYS A 179 3.96 -0.65 -12.67
N THR A 180 2.84 -1.08 -12.09
CA THR A 180 1.72 -0.20 -11.68
C THR A 180 1.19 -0.61 -10.32
N ASP A 181 0.74 0.37 -9.52
CA ASP A 181 -0.10 0.09 -8.35
C ASP A 181 -1.39 -0.54 -8.93
N GLY A 182 -2.06 -1.36 -8.15
CA GLY A 182 -3.38 -1.88 -8.53
C GLY A 182 -4.43 -0.87 -8.13
N ILE A 183 -4.59 -0.68 -6.83
CA ILE A 183 -5.29 0.51 -6.24
C ILE A 183 -4.17 1.52 -5.89
N PHE A 184 -4.35 2.73 -6.34
CA PHE A 184 -3.43 3.87 -6.06
C PHE A 184 -3.91 4.55 -4.76
N SER A 185 -3.08 4.64 -3.73
CA SER A 185 -3.58 4.97 -2.36
C SER A 185 -3.99 6.43 -2.21
N MET A 186 -3.48 7.36 -3.04
N MET A 186 -3.45 7.36 -3.00
CA MET A 186 -3.75 8.80 -2.79
CA MET A 186 -3.78 8.78 -2.77
C MET A 186 -5.21 9.12 -3.10
C MET A 186 -5.26 9.01 -3.05
N GLU A 187 -5.68 8.74 -4.29
CA GLU A 187 -7.06 9.06 -4.75
C GLU A 187 -7.93 7.80 -4.72
N GLY A 188 -7.32 6.63 -4.55
CA GLY A 188 -8.11 5.40 -4.30
C GLY A 188 -8.65 4.78 -5.58
N ASP A 189 -8.09 5.15 -6.72
CA ASP A 189 -8.50 4.74 -8.08
C ASP A 189 -7.80 3.43 -8.47
N ILE A 190 -8.35 2.74 -9.45
CA ILE A 190 -7.85 1.41 -9.89
C ILE A 190 -7.17 1.57 -11.26
N VAL A 191 -6.06 0.89 -11.48
CA VAL A 191 -5.35 0.87 -12.80
C VAL A 191 -6.32 0.32 -13.86
N ASN A 192 -6.22 0.87 -15.06
CA ASN A 192 -6.87 0.32 -16.30
C ASN A 192 -6.13 -0.96 -16.75
N LEU A 193 -6.25 -2.03 -15.99
CA LEU A 193 -5.44 -3.25 -16.25
C LEU A 193 -5.79 -3.87 -17.62
N PRO A 194 -7.07 -3.89 -18.06
CA PRO A 194 -7.37 -4.39 -19.43
C PRO A 194 -6.56 -3.74 -20.54
N GLU A 195 -6.51 -2.41 -20.60
CA GLU A 195 -5.79 -1.74 -21.69
C GLU A 195 -4.27 -1.86 -21.48
N LEU A 196 -3.79 -1.78 -20.23
CA LEU A 196 -2.33 -1.83 -19.94
C LEU A 196 -1.78 -3.19 -20.40
N THR A 197 -2.51 -4.24 -20.11
CA THR A 197 -2.12 -5.65 -20.43
C THR A 197 -2.27 -5.91 -21.94
N SER A 198 -3.25 -5.29 -22.60
N SER A 198 -3.25 -5.30 -22.62
CA SER A 198 -3.38 -5.33 -24.08
CA SER A 198 -3.35 -5.36 -24.11
C SER A 198 -2.14 -4.72 -24.72
C SER A 198 -2.09 -4.73 -24.72
N ILE A 199 -1.71 -3.55 -24.24
CA ILE A 199 -0.49 -2.87 -24.73
C ILE A 199 0.76 -3.73 -24.44
N ALA A 200 0.82 -4.31 -23.25
CA ALA A 200 1.98 -5.10 -22.79
C ALA A 200 2.12 -6.26 -23.78
N ASN A 201 1.01 -6.95 -24.05
CA ASN A 201 0.97 -8.11 -24.98
C ASN A 201 1.42 -7.72 -26.38
N GLU A 202 1.11 -6.51 -26.85
N GLU A 202 1.04 -6.52 -26.87
CA GLU A 202 1.48 -6.04 -28.20
CA GLU A 202 1.48 -5.98 -28.19
C GLU A 202 3.00 -5.78 -28.27
C GLU A 202 3.00 -5.91 -28.22
N PHE A 203 3.63 -5.39 -27.15
CA PHE A 203 5.09 -5.06 -27.12
C PHE A 203 5.91 -6.14 -26.39
N ASP A 204 5.28 -7.24 -25.99
CA ASP A 204 5.89 -8.37 -25.24
C ASP A 204 6.57 -7.78 -23.99
N ALA A 205 5.90 -6.87 -23.30
CA ALA A 205 6.42 -6.28 -22.05
C ALA A 205 5.92 -7.08 -20.86
N ALA A 206 6.80 -7.30 -19.87
CA ALA A 206 6.42 -7.89 -18.58
C ALA A 206 5.50 -6.91 -17.83
N VAL A 207 4.55 -7.44 -17.09
CA VAL A 207 3.59 -6.68 -16.24
C VAL A 207 3.79 -7.10 -14.78
N MET A 208 4.00 -6.12 -13.91
CA MET A 208 3.96 -6.32 -12.45
C MET A 208 2.91 -5.37 -11.85
N VAL A 209 2.11 -5.89 -10.96
CA VAL A 209 1.08 -5.09 -10.22
C VAL A 209 1.36 -5.14 -8.73
N ASP A 210 1.38 -3.97 -8.11
CA ASP A 210 1.54 -3.84 -6.65
C ASP A 210 0.17 -3.76 -6.01
N ASP A 211 -0.26 -4.84 -5.37
CA ASP A 211 -1.61 -5.03 -4.79
C ASP A 211 -1.67 -4.68 -3.30
N ALA A 212 -0.79 -3.82 -2.80
CA ALA A 212 -0.78 -3.40 -1.39
C ALA A 212 -2.20 -3.08 -0.90
N HIS A 213 -2.89 -2.26 -1.66
CA HIS A 213 -4.18 -1.70 -1.23
C HIS A 213 -5.33 -2.52 -1.83
N SER A 214 -5.03 -3.49 -2.70
CA SER A 214 -6.06 -4.34 -3.35
C SER A 214 -6.29 -5.64 -2.59
N LEU A 215 -5.26 -6.26 -2.02
CA LEU A 215 -5.44 -7.53 -1.30
C LEU A 215 -6.40 -7.36 -0.13
N GLY A 216 -7.42 -8.22 -0.07
CA GLY A 216 -8.44 -8.21 0.97
C GLY A 216 -9.49 -7.15 0.72
N VAL A 217 -9.45 -6.51 -0.44
CA VAL A 217 -10.36 -5.38 -0.81
C VAL A 217 -11.09 -5.70 -2.11
N ILE A 218 -10.38 -5.86 -3.24
CA ILE A 218 -11.00 -6.21 -4.56
C ILE A 218 -10.49 -7.60 -5.00
N GLY A 219 -11.16 -8.17 -5.99
CA GLY A 219 -10.89 -9.56 -6.42
C GLY A 219 -11.73 -10.58 -5.67
N HIS A 220 -11.81 -11.77 -6.24
CA HIS A 220 -12.57 -12.88 -5.61
C HIS A 220 -11.91 -13.24 -4.29
N LYS A 221 -12.66 -13.21 -3.20
CA LYS A 221 -12.20 -13.45 -1.80
C LYS A 221 -11.01 -12.53 -1.47
N GLY A 222 -10.91 -11.38 -2.13
CA GLY A 222 -9.86 -10.38 -1.84
C GLY A 222 -8.55 -10.60 -2.61
N ALA A 223 -8.51 -11.47 -3.64
CA ALA A 223 -7.22 -11.94 -4.22
C ALA A 223 -6.54 -10.90 -5.11
N GLY A 224 -7.12 -9.70 -5.30
CA GLY A 224 -6.45 -8.53 -5.85
C GLY A 224 -6.93 -8.09 -7.21
N THR A 225 -6.12 -7.30 -7.91
CA THR A 225 -6.47 -6.50 -9.11
C THR A 225 -6.58 -7.41 -10.32
N ALA A 226 -5.64 -8.35 -10.51
CA ALA A 226 -5.74 -9.32 -11.63
C ALA A 226 -7.04 -10.12 -11.47
N SER A 227 -7.34 -10.56 -10.25
CA SER A 227 -8.54 -11.37 -9.94
C SER A 227 -9.78 -10.53 -10.22
N HIS A 228 -9.73 -9.23 -9.89
CA HIS A 228 -10.84 -8.27 -10.09
C HIS A 228 -11.22 -8.21 -11.57
N PHE A 229 -10.25 -8.21 -12.47
CA PHE A 229 -10.46 -8.08 -13.93
C PHE A 229 -10.48 -9.44 -14.65
N GLY A 230 -10.12 -10.53 -13.98
CA GLY A 230 -9.95 -11.86 -14.61
C GLY A 230 -8.70 -11.99 -15.47
N LEU A 231 -7.64 -11.23 -15.19
CA LEU A 231 -6.42 -11.07 -16.03
C LEU A 231 -5.17 -11.72 -15.36
N ASN A 232 -5.36 -12.65 -14.44
CA ASN A 232 -4.31 -13.55 -13.87
C ASN A 232 -3.29 -13.91 -14.97
N ASP A 233 -3.79 -14.37 -16.12
N ASP A 233 -3.76 -14.36 -16.14
CA ASP A 233 -2.94 -14.90 -17.23
CA ASP A 233 -2.85 -14.91 -17.17
C ASP A 233 -2.03 -13.80 -17.80
C ASP A 233 -2.11 -13.81 -17.94
N ASP A 234 -2.44 -12.53 -17.74
CA ASP A 234 -1.78 -11.40 -18.45
C ASP A 234 -0.84 -10.57 -17.54
N VAL A 235 -0.79 -10.93 -16.28
CA VAL A 235 0.11 -10.32 -15.24
C VAL A 235 1.20 -11.32 -14.87
N ASP A 236 2.44 -10.94 -15.06
CA ASP A 236 3.65 -11.81 -14.83
C ASP A 236 3.94 -11.91 -13.32
N LEU A 237 3.84 -10.79 -12.60
CA LEU A 237 4.24 -10.71 -11.18
C LEU A 237 3.15 -9.96 -10.43
N ILE A 238 2.63 -10.61 -9.41
CA ILE A 238 1.72 -10.01 -8.41
C ILE A 238 2.54 -9.76 -7.15
N MET A 239 2.66 -8.50 -6.77
CA MET A 239 3.32 -8.11 -5.50
C MET A 239 2.23 -7.74 -4.51
N GLY A 240 2.42 -8.08 -3.26
CA GLY A 240 1.54 -7.61 -2.20
C GLY A 240 2.26 -7.35 -0.92
N THR A 241 1.55 -6.85 0.08
N THR A 241 1.57 -6.73 0.05
CA THR A 241 2.14 -6.53 1.39
CA THR A 241 2.10 -6.41 1.39
C THR A 241 1.24 -7.13 2.46
C THR A 241 1.25 -7.12 2.45
N PHE A 242 1.80 -7.31 3.64
CA PHE A 242 1.10 -7.94 4.77
C PHE A 242 0.66 -6.90 5.80
N SER A 243 0.92 -5.60 5.52
CA SER A 243 0.83 -4.55 6.57
C SER A 243 -0.53 -3.83 6.55
N LYS A 244 -1.45 -4.27 5.71
CA LYS A 244 -2.73 -3.53 5.47
C LYS A 244 -3.87 -4.49 5.82
N SER A 245 -4.54 -5.08 4.84
CA SER A 245 -5.63 -6.04 5.18
C SER A 245 -5.09 -7.18 6.05
N LEU A 246 -3.87 -7.66 5.75
CA LEU A 246 -3.34 -8.87 6.42
C LEU A 246 -2.73 -8.57 7.79
N ALA A 247 -2.81 -7.33 8.30
CA ALA A 247 -2.67 -7.02 9.74
C ALA A 247 -1.28 -7.31 10.33
N SER A 248 -0.23 -7.32 9.51
N SER A 248 -0.21 -7.29 9.53
CA SER A 248 1.10 -7.85 9.90
CA SER A 248 1.12 -7.81 9.96
C SER A 248 2.19 -6.93 9.31
C SER A 248 2.26 -6.90 9.45
N LEU A 249 3.30 -7.50 8.88
CA LEU A 249 4.48 -6.79 8.35
C LEU A 249 5.17 -7.77 7.42
N GLY A 250 5.54 -7.29 6.26
CA GLY A 250 6.18 -8.12 5.24
C GLY A 250 5.47 -8.03 3.93
N GLY A 251 6.00 -8.71 2.93
CA GLY A 251 5.35 -8.75 1.63
C GLY A 251 5.83 -9.91 0.81
N PHE A 252 5.38 -9.96 -0.42
CA PHE A 252 5.67 -11.09 -1.32
C PHE A 252 5.66 -10.60 -2.74
N VAL A 253 6.27 -11.43 -3.59
CA VAL A 253 6.13 -11.36 -5.05
C VAL A 253 5.82 -12.78 -5.50
N ALA A 254 4.75 -12.94 -6.28
CA ALA A 254 4.27 -14.24 -6.78
C ALA A 254 4.32 -14.26 -8.30
N GLY A 255 4.63 -15.42 -8.90
CA GLY A 255 4.89 -15.46 -10.35
C GLY A 255 5.26 -16.87 -10.77
N ASP A 256 5.79 -17.00 -11.97
CA ASP A 256 6.19 -18.33 -12.51
C ASP A 256 7.40 -18.81 -11.69
N ALA A 257 7.49 -20.13 -11.46
CA ALA A 257 8.55 -20.76 -10.63
C ALA A 257 9.95 -20.33 -11.07
N ASP A 258 10.20 -20.24 -12.38
CA ASP A 258 11.51 -19.90 -12.91
C ASP A 258 11.83 -18.43 -12.61
N VAL A 259 10.87 -17.53 -12.72
CA VAL A 259 11.08 -16.09 -12.41
C VAL A 259 11.37 -15.94 -10.90
N ILE A 260 10.57 -16.60 -10.06
CA ILE A 260 10.64 -16.46 -8.58
C ILE A 260 11.99 -17.05 -8.14
N ASP A 261 12.39 -18.17 -8.76
N ASP A 261 12.40 -18.17 -8.74
CA ASP A 261 13.70 -18.80 -8.41
CA ASP A 261 13.70 -18.79 -8.40
C ASP A 261 14.83 -17.82 -8.74
C ASP A 261 14.83 -17.82 -8.74
N PHE A 262 14.74 -17.12 -9.87
CA PHE A 262 15.73 -16.10 -10.26
C PHE A 262 15.72 -15.00 -9.18
N LEU A 263 14.54 -14.49 -8.83
N LEU A 263 14.52 -14.53 -8.84
CA LEU A 263 14.43 -13.36 -7.84
CA LEU A 263 14.30 -13.41 -7.87
C LEU A 263 15.01 -13.78 -6.49
C LEU A 263 14.90 -13.76 -6.51
N LYS A 264 14.64 -14.96 -6.00
CA LYS A 264 15.01 -15.29 -4.60
C LYS A 264 16.55 -15.45 -4.52
N HIS A 265 17.26 -15.66 -5.63
CA HIS A 265 18.74 -15.76 -5.64
C HIS A 265 19.46 -14.52 -6.19
N ASN A 266 18.76 -13.45 -6.58
CA ASN A 266 19.40 -12.29 -7.24
C ASN A 266 18.92 -10.96 -6.64
N ALA A 267 17.78 -10.95 -5.96
CA ALA A 267 17.20 -9.70 -5.36
C ALA A 267 17.98 -9.37 -4.09
N ARG A 268 18.71 -8.26 -4.09
CA ARG A 268 19.52 -7.85 -2.92
C ARG A 268 18.64 -7.67 -1.69
N SER A 269 17.40 -7.20 -1.86
CA SER A 269 16.53 -6.98 -0.68
C SER A 269 16.03 -8.31 -0.07
N VAL A 270 16.21 -9.49 -0.68
CA VAL A 270 15.95 -10.79 0.02
C VAL A 270 17.27 -11.46 0.42
N MET A 271 18.34 -11.33 -0.37
N MET A 271 18.33 -11.33 -0.39
CA MET A 271 19.66 -11.97 -0.07
CA MET A 271 19.66 -11.95 -0.11
C MET A 271 20.30 -11.31 1.16
C MET A 271 20.30 -11.33 1.15
N PHE A 272 20.11 -10.01 1.35
CA PHE A 272 20.94 -9.19 2.27
C PHE A 272 20.08 -8.53 3.35
N SER A 273 18.97 -9.14 3.71
CA SER A 273 18.08 -8.65 4.78
C SER A 273 17.45 -9.82 5.52
N ALA A 274 17.35 -9.67 6.82
CA ALA A 274 16.85 -10.71 7.72
C ALA A 274 15.39 -11.02 7.37
N SER A 275 15.00 -12.27 7.54
CA SER A 275 13.66 -12.78 7.16
C SER A 275 12.59 -12.30 8.14
N MET A 276 11.31 -12.42 7.74
CA MET A 276 10.14 -12.04 8.59
C MET A 276 10.20 -12.76 9.92
N THR A 277 9.76 -12.12 11.01
CA THR A 277 9.70 -12.75 12.36
C THR A 277 8.68 -13.88 12.29
N PRO A 278 8.87 -14.95 13.10
CA PRO A 278 7.89 -16.03 13.18
C PRO A 278 6.47 -15.52 13.51
N ALA A 279 6.39 -14.54 14.42
CA ALA A 279 5.11 -13.95 14.85
C ALA A 279 4.39 -13.34 13.64
N SER A 280 5.12 -12.63 12.76
CA SER A 280 4.51 -12.01 11.56
C SER A 280 4.14 -13.07 10.49
N VAL A 281 4.92 -14.14 10.34
CA VAL A 281 4.55 -15.22 9.40
C VAL A 281 3.22 -15.82 9.85
N ALA A 282 3.09 -16.15 11.11
CA ALA A 282 1.89 -16.84 11.67
C ALA A 282 0.69 -15.90 11.64
N SER A 283 0.90 -14.62 11.96
CA SER A 283 -0.23 -13.65 11.91
C SER A 283 -0.71 -13.54 10.47
N THR A 284 0.19 -13.46 9.48
CA THR A 284 -0.19 -13.37 8.05
C THR A 284 -0.93 -14.64 7.61
N LEU A 285 -0.37 -15.80 7.94
CA LEU A 285 -1.03 -17.13 7.66
C LEU A 285 -2.49 -17.14 8.17
N LYS A 286 -2.73 -16.74 9.41
CA LYS A 286 -4.06 -16.88 10.06
C LYS A 286 -5.00 -15.82 9.47
N ALA A 287 -4.49 -14.60 9.24
CA ALA A 287 -5.28 -13.52 8.60
C ALA A 287 -5.72 -13.98 7.21
N LEU A 288 -4.83 -14.60 6.43
CA LEU A 288 -5.15 -15.03 5.06
C LEU A 288 -6.28 -16.08 5.08
N GLU A 289 -6.24 -16.99 6.04
CA GLU A 289 -7.22 -18.06 6.26
C GLU A 289 -8.57 -17.38 6.53
N ILE A 290 -8.57 -16.40 7.44
CA ILE A 290 -9.82 -15.68 7.87
C ILE A 290 -10.43 -14.92 6.69
N ILE A 291 -9.63 -14.20 5.90
CA ILE A 291 -10.15 -13.41 4.74
C ILE A 291 -10.87 -14.33 3.76
N GLN A 292 -10.33 -15.55 3.58
CA GLN A 292 -10.87 -16.51 2.59
C GLN A 292 -12.10 -17.22 3.13
N ASN A 293 -12.14 -17.50 4.42
CA ASN A 293 -13.18 -18.36 5.04
C ASN A 293 -14.35 -17.55 5.56
N GLU A 294 -14.19 -16.26 5.85
CA GLU A 294 -15.22 -15.42 6.50
C GLU A 294 -15.51 -14.23 5.59
N PRO A 295 -16.37 -14.39 4.56
CA PRO A 295 -16.58 -13.35 3.55
C PRO A 295 -17.19 -12.04 4.10
N GLU A 296 -17.64 -12.08 5.36
CA GLU A 296 -18.37 -10.97 6.03
C GLU A 296 -17.43 -9.76 6.19
N HIS A 297 -16.12 -9.97 6.29
CA HIS A 297 -15.14 -8.87 6.53
C HIS A 297 -15.12 -7.99 5.30
N ILE A 298 -14.89 -8.57 4.11
CA ILE A 298 -14.83 -7.79 2.85
C ILE A 298 -16.21 -7.16 2.61
N GLU A 299 -17.28 -7.90 2.92
CA GLU A 299 -18.68 -7.42 2.75
C GLU A 299 -18.90 -6.12 3.56
N LYS A 300 -18.61 -6.14 4.87
CA LYS A 300 -18.81 -5.01 5.83
C LYS A 300 -17.89 -3.84 5.46
N LEU A 301 -16.66 -4.10 5.01
CA LEU A 301 -15.77 -3.02 4.51
C LEU A 301 -16.48 -2.22 3.41
N TRP A 302 -17.08 -2.94 2.45
CA TRP A 302 -17.76 -2.33 1.31
C TRP A 302 -19.08 -1.68 1.73
N LYS A 303 -19.78 -2.23 2.72
CA LYS A 303 -21.02 -1.59 3.24
C LYS A 303 -20.65 -0.25 3.89
N ASN A 304 -19.59 -0.25 4.70
CA ASN A 304 -19.06 0.99 5.33
C ASN A 304 -18.58 1.99 4.26
N THR A 305 -17.88 1.53 3.22
CA THR A 305 -17.34 2.39 2.16
C THR A 305 -18.54 3.06 1.44
N ASP A 306 -19.52 2.26 1.03
CA ASP A 306 -20.70 2.77 0.29
C ASP A 306 -21.48 3.75 1.17
N TYR A 307 -21.71 3.41 2.44
CA TYR A 307 -22.41 4.31 3.38
C TYR A 307 -21.67 5.65 3.54
N ALA A 308 -20.39 5.62 3.92
CA ALA A 308 -19.58 6.84 4.12
C ALA A 308 -19.49 7.65 2.84
N LYS A 309 -19.31 7.06 1.68
CA LYS A 309 -19.17 7.85 0.44
C LYS A 309 -20.50 8.60 0.20
N ALA A 310 -21.61 7.92 0.36
CA ALA A 310 -22.96 8.48 0.09
C ALA A 310 -23.22 9.61 1.11
N GLN A 311 -22.88 9.42 2.39
CA GLN A 311 -23.06 10.47 3.43
C GLN A 311 -22.18 11.68 3.11
N LEU A 312 -20.90 11.46 2.72
CA LEU A 312 -20.00 12.56 2.34
C LEU A 312 -20.56 13.36 1.17
N LEU A 313 -20.99 12.70 0.11
CA LEU A 313 -21.54 13.40 -1.09
C LEU A 313 -22.84 14.13 -0.73
N ASP A 314 -23.68 13.56 0.14
CA ASP A 314 -24.93 14.20 0.63
C ASP A 314 -24.60 15.53 1.31
N HIS A 315 -23.51 15.60 2.07
CA HIS A 315 -23.11 16.82 2.84
C HIS A 315 -22.35 17.78 1.94
N GLY A 316 -22.16 17.41 0.67
CA GLY A 316 -21.56 18.24 -0.36
C GLY A 316 -20.02 18.32 -0.28
N PHE A 317 -19.34 17.31 0.26
CA PHE A 317 -17.85 17.24 0.20
C PHE A 317 -17.44 16.95 -1.24
N ASP A 318 -16.30 17.49 -1.64
CA ASP A 318 -15.72 17.28 -3.00
C ASP A 318 -14.79 16.07 -2.92
N LEU A 319 -15.23 14.92 -3.43
CA LEU A 319 -14.45 13.65 -3.32
C LEU A 319 -13.61 13.44 -4.57
N GLY A 320 -12.45 12.81 -4.43
CA GLY A 320 -11.72 12.32 -5.59
C GLY A 320 -12.36 11.06 -6.17
N ALA A 321 -11.80 10.62 -7.30
CA ALA A 321 -12.33 9.54 -8.15
C ALA A 321 -11.91 8.19 -7.57
N THR A 322 -12.30 7.95 -6.34
CA THR A 322 -12.03 6.70 -5.62
C THR A 322 -12.90 5.57 -6.14
N GLU A 323 -12.32 4.37 -6.21
CA GLU A 323 -13.06 3.11 -6.47
C GLU A 323 -12.75 2.12 -5.34
N SER A 324 -12.48 2.62 -4.13
CA SER A 324 -11.91 1.83 -3.02
C SER A 324 -12.40 2.38 -1.69
N PRO A 325 -12.01 1.76 -0.55
CA PRO A 325 -12.33 2.29 0.76
C PRO A 325 -11.56 3.54 1.23
N ILE A 326 -10.79 4.10 0.32
CA ILE A 326 -10.05 5.38 0.49
C ILE A 326 -10.94 6.48 -0.06
N LEU A 327 -11.40 7.38 0.81
CA LEU A 327 -12.27 8.50 0.40
C LEU A 327 -11.46 9.79 0.51
N PRO A 328 -10.92 10.28 -0.63
CA PRO A 328 -10.13 11.51 -0.65
C PRO A 328 -11.05 12.72 -0.66
N ILE A 329 -10.91 13.59 0.33
CA ILE A 329 -11.80 14.77 0.49
C ILE A 329 -10.94 15.99 0.17
N PHE A 330 -11.22 16.65 -0.94
CA PHE A 330 -10.49 17.87 -1.40
C PHE A 330 -10.65 19.06 -0.46
N ILE A 331 -9.53 19.74 -0.20
CA ILE A 331 -9.51 20.98 0.62
C ILE A 331 -8.94 22.15 -0.22
N ARG A 332 -7.91 21.88 -1.02
N ARG A 332 -7.84 21.89 -0.93
CA ARG A 332 -7.32 22.83 -2.00
CA ARG A 332 -7.25 22.74 -2.01
C ARG A 332 -6.73 24.04 -1.27
C ARG A 332 -6.49 23.93 -1.42
N SER A 333 -5.99 23.79 -0.19
CA SER A 333 -5.11 24.78 0.48
C SER A 333 -4.24 23.99 1.47
N ASN A 334 -2.92 24.10 1.37
CA ASN A 334 -2.00 23.43 2.32
C ASN A 334 -2.32 23.92 3.74
N GLU A 335 -2.32 25.24 3.98
CA GLU A 335 -2.65 25.82 5.30
C GLU A 335 -3.98 25.25 5.82
N LYS A 336 -5.06 25.24 5.03
CA LYS A 336 -6.37 24.73 5.53
C LYS A 336 -6.28 23.22 5.82
N THR A 337 -5.55 22.47 5.02
CA THR A 337 -5.35 20.98 5.15
C THR A 337 -4.70 20.71 6.51
N PHE A 338 -3.61 21.41 6.85
CA PHE A 338 -2.94 21.24 8.17
C PHE A 338 -3.92 21.61 9.29
N TRP A 339 -4.60 22.74 9.14
CA TRP A 339 -5.50 23.25 10.21
C TRP A 339 -6.65 22.24 10.42
N VAL A 340 -7.29 21.77 9.36
CA VAL A 340 -8.42 20.80 9.40
C VAL A 340 -7.94 19.51 10.07
N THR A 341 -6.77 19.03 9.70
CA THR A 341 -6.20 17.78 10.26
C THR A 341 -6.03 17.92 11.78
N LYS A 342 -5.42 19.01 12.24
CA LYS A 342 -5.16 19.18 13.69
C LYS A 342 -6.47 19.44 14.45
N MET A 343 -7.40 20.23 13.87
CA MET A 343 -8.68 20.51 14.55
C MET A 343 -9.46 19.19 14.72
N LEU A 344 -9.45 18.32 13.72
CA LEU A 344 -10.15 17.01 13.77
C LEU A 344 -9.47 16.13 14.83
N GLN A 345 -8.15 16.14 14.86
CA GLN A 345 -7.37 15.41 15.89
C GLN A 345 -7.84 15.86 17.29
N ASP A 346 -7.87 17.15 17.55
CA ASP A 346 -8.24 17.69 18.88
C ASP A 346 -9.74 17.43 19.15
N ASP A 347 -10.56 17.24 18.11
CA ASP A 347 -11.99 16.85 18.30
C ASP A 347 -12.18 15.32 18.31
N GLY A 348 -11.12 14.51 18.28
CA GLY A 348 -11.21 13.04 18.37
C GLY A 348 -11.45 12.32 17.06
N VAL A 349 -10.94 12.83 15.94
CA VAL A 349 -11.06 12.20 14.59
C VAL A 349 -9.68 12.20 13.92
N PHE A 350 -9.17 11.03 13.60
CA PHE A 350 -7.84 10.87 12.95
C PHE A 350 -8.03 10.68 11.45
N VAL A 351 -7.57 11.65 10.68
CA VAL A 351 -7.49 11.53 9.19
C VAL A 351 -6.06 11.87 8.74
N ASN A 352 -5.70 11.55 7.48
CA ASN A 352 -4.33 11.73 6.97
C ASN A 352 -4.31 12.85 5.95
N PRO A 353 -3.44 13.86 6.13
CA PRO A 353 -3.39 14.96 5.17
C PRO A 353 -2.51 14.60 3.98
N VAL A 354 -2.79 15.22 2.85
CA VAL A 354 -1.98 15.13 1.61
C VAL A 354 -1.74 16.58 1.14
N VAL A 355 -0.48 17.01 1.16
CA VAL A 355 -0.10 18.45 1.00
C VAL A 355 1.08 18.59 0.01
N SER A 356 1.44 19.82 -0.35
CA SER A 356 2.72 20.12 -1.06
C SER A 356 3.89 19.75 -0.16
N PRO A 357 5.02 19.25 -0.70
CA PRO A 357 5.24 19.10 -2.14
C PRO A 357 4.72 17.80 -2.80
N ALA A 358 4.13 16.87 -2.04
CA ALA A 358 3.58 15.61 -2.58
C ALA A 358 2.54 15.90 -3.67
N VAL A 359 1.72 16.94 -3.50
CA VAL A 359 0.70 17.36 -4.52
C VAL A 359 0.71 18.89 -4.65
N PRO A 360 0.20 19.45 -5.76
CA PRO A 360 -0.04 20.89 -5.87
C PRO A 360 -0.96 21.39 -4.75
N ALA A 361 -0.76 22.61 -4.27
CA ALA A 361 -1.57 23.18 -3.18
C ALA A 361 -3.06 23.04 -3.51
N GLU A 362 -3.46 23.31 -4.76
CA GLU A 362 -4.89 23.37 -5.17
C GLU A 362 -5.50 21.95 -5.18
N GLU A 363 -4.70 20.91 -4.93
CA GLU A 363 -5.14 19.49 -4.91
C GLU A 363 -4.87 18.84 -3.53
N SER A 364 -4.52 19.64 -2.51
CA SER A 364 -4.37 19.20 -1.09
C SER A 364 -5.71 18.62 -0.60
N LEU A 365 -5.64 17.56 0.20
CA LEU A 365 -6.85 16.85 0.64
C LEU A 365 -6.57 16.12 1.94
N ILE A 366 -7.63 15.63 2.56
CA ILE A 366 -7.53 14.64 3.66
C ILE A 366 -8.02 13.27 3.14
N ARG A 367 -7.37 12.19 3.56
CA ARG A 367 -7.82 10.83 3.25
C ARG A 367 -8.53 10.23 4.45
N PHE A 368 -9.77 9.79 4.20
CA PHE A 368 -10.70 9.16 5.15
C PHE A 368 -10.87 7.71 4.71
N SER A 369 -10.27 6.79 5.46
CA SER A 369 -10.20 5.36 5.10
C SER A 369 -11.13 4.52 6.01
N LEU A 370 -11.87 3.62 5.40
CA LEU A 370 -12.81 2.72 6.10
C LEU A 370 -12.12 1.40 6.48
N MET A 371 -12.55 0.84 7.59
CA MET A 371 -12.28 -0.52 8.04
C MET A 371 -13.61 -1.29 8.15
N ALA A 372 -13.57 -2.59 7.92
CA ALA A 372 -14.74 -3.50 8.10
C ALA A 372 -15.33 -3.34 9.50
N THR A 373 -14.51 -3.09 10.54
CA THR A 373 -14.95 -3.02 11.95
C THR A 373 -15.55 -1.65 12.33
N HIS A 374 -15.53 -0.67 11.45
CA HIS A 374 -16.22 0.62 11.75
C HIS A 374 -17.73 0.36 11.88
N THR A 375 -18.39 1.19 12.69
CA THR A 375 -19.88 1.19 12.78
C THR A 375 -20.45 2.41 12.04
N TYR A 376 -21.70 2.33 11.59
CA TYR A 376 -22.35 3.50 10.96
C TYR A 376 -22.37 4.68 11.94
N ASP A 377 -22.49 4.43 13.24
CA ASP A 377 -22.50 5.48 14.27
C ASP A 377 -21.15 6.20 14.33
N GLN A 378 -20.04 5.43 14.26
CA GLN A 378 -18.69 6.05 14.26
C GLN A 378 -18.56 6.91 13.01
N ILE A 379 -18.97 6.42 11.85
CA ILE A 379 -18.91 7.15 10.57
C ILE A 379 -19.71 8.44 10.74
N ASP A 380 -20.93 8.34 11.26
CA ASP A 380 -21.81 9.53 11.43
C ASP A 380 -21.10 10.56 12.31
N GLU A 381 -20.48 10.11 13.42
CA GLU A 381 -19.81 11.03 14.38
C GLU A 381 -18.63 11.72 13.69
N ALA A 382 -17.77 10.97 13.00
CA ALA A 382 -16.67 11.60 12.21
C ALA A 382 -17.19 12.61 11.20
N ILE A 383 -18.18 12.26 10.38
CA ILE A 383 -18.70 13.17 9.32
C ILE A 383 -19.32 14.41 9.97
N GLU A 384 -20.00 14.27 11.10
CA GLU A 384 -20.58 15.41 11.87
C GLU A 384 -19.45 16.41 12.16
N LYS A 385 -18.39 15.88 12.75
CA LYS A 385 -17.20 16.66 13.21
C LYS A 385 -16.49 17.26 12.02
N MET A 386 -16.43 16.55 10.88
N MET A 386 -16.40 16.55 10.89
CA MET A 386 -15.81 17.05 9.62
CA MET A 386 -15.79 17.10 9.67
C MET A 386 -16.65 18.19 9.01
C MET A 386 -16.65 18.27 9.16
N VAL A 387 -17.98 18.13 9.16
CA VAL A 387 -18.86 19.25 8.71
C VAL A 387 -18.51 20.48 9.54
N LYS A 388 -18.44 20.33 10.87
CA LYS A 388 -18.19 21.43 11.85
C LYS A 388 -16.81 22.03 11.54
N VAL A 389 -15.77 21.19 11.38
CA VAL A 389 -14.41 21.76 11.21
C VAL A 389 -14.31 22.45 9.84
N PHE A 390 -14.86 21.89 8.77
CA PHE A 390 -14.79 22.52 7.42
C PHE A 390 -15.51 23.89 7.50
N LYS A 391 -16.53 23.99 8.34
CA LYS A 391 -17.26 25.28 8.51
C LYS A 391 -16.31 26.27 9.20
N GLN A 392 -15.76 25.88 10.36
CA GLN A 392 -14.85 26.76 11.16
C GLN A 392 -13.68 27.20 10.28
N ALA A 393 -13.18 26.32 9.40
CA ALA A 393 -12.02 26.56 8.52
C ALA A 393 -12.42 27.42 7.31
N GLU A 394 -13.72 27.51 6.99
CA GLU A 394 -14.27 28.19 5.78
C GLU A 394 -13.66 27.59 4.49
N VAL A 395 -14.10 26.41 4.03
CA VAL A 395 -13.54 25.71 2.82
C VAL A 395 -14.35 26.10 1.58
#